data_5ILO
#
_entry.id   5ILO
#
_cell.length_a   70.159
_cell.length_b   62.646
_cell.length_c   114.113
_cell.angle_alpha   90.00
_cell.angle_beta   96.26
_cell.angle_gamma   90.00
#
_symmetry.space_group_name_H-M   'C 1 2 1'
#
loop_
_entity.id
_entity.type
_entity.pdbx_description
1 polymer 'Photoreceptor dehydrogenase, isoform C'
2 non-polymer NICOTINAMIDE-ADENINE-DINUCLEOTIDE
3 water water
#
_entity_poly.entity_id   1
_entity_poly.type   'polypeptide(L)'
_entity_poly.pdbx_seq_one_letter_code
;MAHHHHHHVGTSFRGKNAVVTGGAGGIGLQVSKQLLAAGAAKVAIIDLQDNLEEFVKLRAAHPTQSVMIIKMDVANKKGV
EATYEEIAKTFGNIDIVVNVAGIFNDKDVQRTLLVNLGGIINSTLSALPYMGKDNGGKGGIVVNMSSVVGLDPMFIIPVY
GATKAGIINFTRCLANEKYYQRSGIKFVTVCPGATMTDMFTNFTEKIIFPETSDETYRILDRLNKQSAADVSRCILNVLE
KDKNGAVYVIEGKRVYPLEIKPQWTGKEQAL
;
_entity_poly.pdbx_strand_id   A,B
#
loop_
_chem_comp.id
_chem_comp.type
_chem_comp.name
_chem_comp.formula
NAD non-polymer NICOTINAMIDE-ADENINE-DINUCLEOTIDE 'C21 H27 N7 O14 P2'
#
# COMPACT_ATOMS: atom_id res chain seq x y z
N HIS A 7 9.85 38.90 -8.07
CA HIS A 7 10.94 39.37 -7.21
C HIS A 7 10.61 39.27 -5.72
N HIS A 8 9.45 39.80 -5.33
CA HIS A 8 9.14 39.99 -3.92
C HIS A 8 9.09 38.68 -3.11
N VAL A 9 9.80 38.68 -1.99
CA VAL A 9 9.83 37.55 -1.07
C VAL A 9 8.91 37.86 0.12
N GLY A 10 8.07 36.91 0.49
CA GLY A 10 7.04 37.17 1.48
C GLY A 10 7.39 36.73 2.89
N THR A 11 6.37 36.64 3.75
CA THR A 11 6.57 36.38 5.17
C THR A 11 5.74 35.21 5.69
N SER A 12 4.88 34.66 4.83
CA SER A 12 4.01 33.53 5.19
C SER A 12 4.77 32.36 5.81
N PHE A 13 5.95 32.06 5.29
CA PHE A 13 6.76 30.95 5.80
C PHE A 13 8.12 31.42 6.30
N ARG A 14 8.17 32.66 6.79
CA ARG A 14 9.38 33.24 7.37
C ARG A 14 9.99 32.37 8.46
N GLY A 15 11.29 32.08 8.35
CA GLY A 15 11.99 31.35 9.38
C GLY A 15 11.79 29.83 9.37
N LYS A 16 11.14 29.34 8.33
CA LYS A 16 10.81 27.91 8.24
C LYS A 16 11.84 27.17 7.38
N ASN A 17 12.24 25.98 7.84
CA ASN A 17 13.12 25.13 7.07
C ASN A 17 12.33 23.99 6.45
N ALA A 18 12.56 23.73 5.16
CA ALA A 18 11.68 22.84 4.42
C ALA A 18 12.44 21.89 3.50
N VAL A 19 12.05 20.62 3.55
CA VAL A 19 12.61 19.60 2.68
C VAL A 19 11.54 19.16 1.69
N VAL A 20 11.92 19.01 0.42
CA VAL A 20 10.96 18.68 -0.64
C VAL A 20 11.51 17.63 -1.58
N THR A 21 10.98 16.41 -1.49
CA THR A 21 11.35 15.37 -2.44
C THR A 21 10.58 15.58 -3.75
N GLY A 22 11.23 15.31 -4.87
CA GLY A 22 10.58 15.46 -6.16
C GLY A 22 10.60 16.90 -6.65
N GLY A 23 11.37 17.73 -5.97
CA GLY A 23 11.36 19.17 -6.20
C GLY A 23 12.04 19.70 -7.46
N ALA A 24 12.54 18.83 -8.31
CA ALA A 24 13.18 19.27 -9.55
C ALA A 24 12.17 19.46 -10.69
N GLY A 25 11.03 18.79 -10.57
CA GLY A 25 10.01 18.88 -11.59
C GLY A 25 8.60 18.98 -11.04
N GLY A 26 7.65 19.14 -11.95
CA GLY A 26 6.22 19.18 -11.64
C GLY A 26 5.81 19.95 -10.41
N ILE A 27 4.94 19.35 -9.62
CA ILE A 27 4.38 19.98 -8.42
C ILE A 27 5.48 20.31 -7.41
N GLY A 28 6.41 19.37 -7.23
CA GLY A 28 7.52 19.54 -6.30
C GLY A 28 8.32 20.80 -6.56
N LEU A 29 8.61 21.05 -7.83
CA LEU A 29 9.37 22.23 -8.23
C LEU A 29 8.63 23.52 -7.87
N GLN A 30 7.32 23.53 -8.10
CA GLN A 30 6.48 24.67 -7.75
C GLN A 30 6.39 24.85 -6.23
N VAL A 31 6.22 23.75 -5.51
CA VAL A 31 6.24 23.77 -4.05
C VAL A 31 7.52 24.43 -3.54
N SER A 32 8.63 24.10 -4.17
CA SER A 32 9.92 24.63 -3.77
C SER A 32 9.99 26.14 -4.03
N LYS A 33 9.57 26.56 -5.21
CA LYS A 33 9.54 27.97 -5.57
C LYS A 33 8.64 28.79 -4.66
N GLN A 34 7.41 28.32 -4.47
CA GLN A 34 6.40 29.04 -3.71
C GLN A 34 6.76 29.18 -2.24
N LEU A 35 7.49 28.20 -1.70
CA LEU A 35 7.95 28.28 -0.32
C LEU A 35 9.03 29.34 -0.17
N LEU A 36 9.96 29.37 -1.12
CA LEU A 36 10.98 30.42 -1.19
C LEU A 36 10.36 31.80 -1.39
N ALA A 37 9.34 31.86 -2.24
CA ALA A 37 8.65 33.11 -2.52
C ALA A 37 7.90 33.60 -1.29
N ALA A 38 7.48 32.66 -0.45
CA ALA A 38 6.80 32.97 0.80
C ALA A 38 7.79 33.28 1.92
N GLY A 39 9.08 33.22 1.62
CA GLY A 39 10.12 33.64 2.53
C GLY A 39 10.63 32.56 3.48
N ALA A 40 10.63 31.33 3.01
CA ALA A 40 11.19 30.24 3.80
C ALA A 40 12.69 30.44 3.95
N ALA A 41 13.17 30.39 5.19
CA ALA A 41 14.58 30.61 5.48
C ALA A 41 15.49 29.64 4.72
N LYS A 42 15.08 28.39 4.65
CA LYS A 42 15.87 27.33 4.01
C LYS A 42 14.97 26.32 3.28
N VAL A 43 15.40 25.90 2.10
CA VAL A 43 14.68 24.88 1.34
C VAL A 43 15.65 23.87 0.74
N ALA A 44 15.43 22.59 1.05
CA ALA A 44 16.23 21.51 0.49
C ALA A 44 15.41 20.73 -0.50
N ILE A 45 16.06 20.27 -1.57
CA ILE A 45 15.36 19.57 -2.65
C ILE A 45 16.00 18.22 -2.91
N ILE A 46 15.17 17.17 -2.92
CA ILE A 46 15.65 15.81 -3.14
C ILE A 46 15.01 15.25 -4.39
N ASP A 47 15.84 14.92 -5.37
CA ASP A 47 15.33 14.50 -6.67
C ASP A 47 16.41 13.76 -7.46
N LEU A 48 15.98 12.96 -8.44
CA LEU A 48 16.89 12.20 -9.29
C LEU A 48 17.51 13.07 -10.38
N GLN A 49 16.74 14.07 -10.84
CA GLN A 49 17.18 14.96 -11.92
C GLN A 49 17.86 16.22 -11.38
N ASP A 50 18.81 16.75 -12.16
CA ASP A 50 19.64 17.87 -11.71
C ASP A 50 19.03 19.26 -11.92
N ASN A 51 18.38 19.48 -13.06
CA ASN A 51 17.74 20.76 -13.42
C ASN A 51 18.53 22.00 -13.01
N LEU A 52 19.75 22.11 -13.53
CA LEU A 52 20.69 23.15 -13.11
C LEU A 52 20.27 24.56 -13.48
N GLU A 53 19.79 24.76 -14.71
CA GLU A 53 19.40 26.08 -15.18
C GLU A 53 18.24 26.68 -14.37
N GLU A 54 17.37 25.83 -13.84
CA GLU A 54 16.28 26.30 -12.99
C GLU A 54 16.78 26.65 -11.59
N PHE A 55 17.69 25.84 -11.06
CA PHE A 55 18.24 26.07 -9.72
C PHE A 55 19.23 27.23 -9.63
N VAL A 56 20.03 27.46 -10.67
CA VAL A 56 20.89 28.64 -10.70
C VAL A 56 20.03 29.90 -10.63
N LYS A 57 18.94 29.91 -11.38
CA LYS A 57 18.02 31.04 -11.40
C LYS A 57 17.35 31.21 -10.04
N LEU A 58 17.05 30.08 -9.40
CA LEU A 58 16.32 30.06 -8.14
C LEU A 58 17.13 30.63 -6.96
N ARG A 59 18.38 30.18 -6.84
CA ARG A 59 19.30 30.72 -5.84
C ARG A 59 19.51 32.23 -6.01
N ALA A 60 19.71 32.65 -7.25
CA ALA A 60 19.83 34.06 -7.59
C ALA A 60 18.64 34.86 -7.04
N ALA A 61 17.43 34.35 -7.29
CA ALA A 61 16.21 35.06 -6.91
C ALA A 61 16.00 35.06 -5.39
N HIS A 62 16.78 34.25 -4.68
CA HIS A 62 16.65 34.13 -3.23
C HIS A 62 18.02 34.10 -2.54
N PRO A 63 18.75 35.22 -2.60
CA PRO A 63 20.13 35.29 -2.10
C PRO A 63 20.22 35.14 -0.58
N THR A 64 19.21 35.63 0.14
CA THR A 64 19.22 35.60 1.59
C THR A 64 18.52 34.35 2.13
N GLN A 65 18.27 33.41 1.24
CA GLN A 65 17.64 32.14 1.62
C GLN A 65 18.52 30.98 1.18
N SER A 66 18.51 29.91 1.96
CA SER A 66 19.25 28.71 1.61
C SER A 66 18.49 27.88 0.59
N VAL A 67 19.17 27.50 -0.49
CA VAL A 67 18.60 26.59 -1.48
C VAL A 67 19.58 25.45 -1.68
N MET A 68 19.24 24.29 -1.13
CA MET A 68 20.12 23.13 -1.17
C MET A 68 19.55 22.03 -2.08
N ILE A 69 20.39 21.52 -2.98
CA ILE A 69 19.97 20.48 -3.92
C ILE A 69 20.80 19.21 -3.79
N ILE A 70 20.11 18.10 -3.58
CA ILE A 70 20.75 16.78 -3.50
C ILE A 70 20.13 15.83 -4.52
N LYS A 71 20.98 15.17 -5.28
CA LYS A 71 20.55 14.12 -6.20
C LYS A 71 20.50 12.80 -5.45
N MET A 72 19.29 12.24 -5.32
CA MET A 72 19.11 11.00 -4.55
C MET A 72 17.80 10.27 -4.86
N ASP A 73 17.90 8.95 -5.00
CA ASP A 73 16.74 8.08 -5.17
C ASP A 73 16.04 7.89 -3.83
N VAL A 74 14.79 8.32 -3.73
CA VAL A 74 14.03 8.22 -2.48
C VAL A 74 13.75 6.77 -2.11
N ALA A 75 13.86 5.87 -3.09
CA ALA A 75 13.74 4.44 -2.83
C ALA A 75 14.94 3.93 -2.05
N ASN A 76 16.05 4.66 -2.13
CA ASN A 76 17.28 4.26 -1.46
C ASN A 76 17.24 4.64 0.02
N LYS A 77 16.94 3.65 0.85
CA LYS A 77 16.77 3.84 2.28
C LYS A 77 17.93 4.57 2.95
N LYS A 78 19.14 4.04 2.76
CA LYS A 78 20.32 4.55 3.44
C LYS A 78 20.75 5.90 2.86
N GLY A 79 20.64 6.02 1.54
CA GLY A 79 20.87 7.28 0.86
C GLY A 79 20.03 8.40 1.43
N VAL A 80 18.72 8.18 1.49
CA VAL A 80 17.79 9.14 2.09
C VAL A 80 18.17 9.48 3.53
N GLU A 81 18.49 8.45 4.32
CA GLU A 81 18.97 8.66 5.68
C GLU A 81 20.21 9.55 5.71
N ALA A 82 21.24 9.15 4.96
CA ALA A 82 22.42 9.96 4.75
C ALA A 82 22.08 11.38 4.32
N THR A 83 21.23 11.49 3.30
CA THR A 83 20.84 12.78 2.74
C THR A 83 20.25 13.72 3.79
N TYR A 84 19.47 13.16 4.70
CA TYR A 84 18.86 13.97 5.76
C TYR A 84 19.88 14.45 6.80
N GLU A 85 20.89 13.63 7.08
CA GLU A 85 21.91 14.02 8.04
C GLU A 85 22.62 15.30 7.60
N GLU A 86 23.06 15.33 6.34
CA GLU A 86 23.75 16.51 5.80
C GLU A 86 22.83 17.73 5.78
N ILE A 87 21.59 17.53 5.35
CA ILE A 87 20.60 18.60 5.34
C ILE A 87 20.43 19.16 6.75
N ALA A 88 20.36 18.25 7.72
CA ALA A 88 20.19 18.61 9.13
C ALA A 88 21.36 19.42 9.66
N LYS A 89 22.56 19.03 9.25
CA LYS A 89 23.77 19.70 9.68
C LYS A 89 23.79 21.19 9.31
N THR A 90 23.33 21.48 8.09
CA THR A 90 23.23 22.84 7.59
C THR A 90 22.00 23.56 8.14
N PHE A 91 20.85 22.91 8.01
CA PHE A 91 19.57 23.49 8.43
C PHE A 91 19.46 23.64 9.95
N GLY A 92 19.87 22.60 10.67
CA GLY A 92 19.83 22.55 12.12
C GLY A 92 18.53 22.00 12.66
N ASN A 93 17.46 22.13 11.88
CA ASN A 93 16.16 21.61 12.24
C ASN A 93 15.26 21.61 11.01
N ILE A 94 14.24 20.77 11.01
CA ILE A 94 13.34 20.69 9.85
C ILE A 94 11.89 20.90 10.26
N ASP A 95 11.32 22.02 9.83
CA ASP A 95 9.94 22.36 10.16
C ASP A 95 8.92 21.78 9.19
N ILE A 96 9.29 21.61 7.94
CA ILE A 96 8.35 21.16 6.92
C ILE A 96 8.95 20.12 5.97
N VAL A 97 8.23 19.01 5.79
CA VAL A 97 8.58 18.02 4.76
C VAL A 97 7.39 17.79 3.84
N VAL A 98 7.59 18.03 2.55
CA VAL A 98 6.60 17.70 1.54
C VAL A 98 7.16 16.64 0.62
N ASN A 99 6.65 15.42 0.74
CA ASN A 99 7.13 14.30 -0.05
C ASN A 99 6.32 14.14 -1.32
N VAL A 100 6.84 14.69 -2.41
CA VAL A 100 6.11 14.78 -3.67
C VAL A 100 6.58 13.73 -4.68
N ALA A 101 7.86 13.37 -4.60
CA ALA A 101 8.48 12.42 -5.53
C ALA A 101 7.66 11.14 -5.74
N GLY A 102 7.37 10.84 -7.00
CA GLY A 102 6.72 9.60 -7.36
C GLY A 102 6.76 9.38 -8.86
N ILE A 103 6.24 8.23 -9.30
CA ILE A 103 6.25 7.85 -10.72
C ILE A 103 4.95 7.16 -11.10
N PHE A 104 4.73 7.04 -12.41
CA PHE A 104 3.68 6.16 -12.91
C PHE A 104 4.22 5.16 -13.92
N ASN A 105 4.31 3.90 -13.48
CA ASN A 105 4.70 2.81 -14.35
C ASN A 105 4.12 1.49 -13.82
N ASP A 106 3.03 1.04 -14.44
CA ASP A 106 2.38 -0.18 -13.99
C ASP A 106 3.10 -1.41 -14.52
N LYS A 107 3.69 -1.29 -15.71
CA LYS A 107 4.50 -2.37 -16.27
C LYS A 107 5.66 -2.76 -15.35
N ASP A 108 6.20 -1.78 -14.62
CA ASP A 108 7.25 -2.06 -13.64
C ASP A 108 6.68 -1.95 -12.23
N VAL A 109 6.30 -3.08 -11.66
CA VAL A 109 5.64 -3.13 -10.36
C VAL A 109 6.59 -2.82 -9.20
N GLN A 110 7.70 -3.54 -9.13
CA GLN A 110 8.71 -3.37 -8.08
C GLN A 110 9.15 -1.91 -7.92
N ARG A 111 9.49 -1.27 -9.03
CA ARG A 111 9.93 0.12 -9.03
C ARG A 111 8.85 1.03 -8.47
N THR A 112 7.62 0.83 -8.93
CA THR A 112 6.47 1.60 -8.46
C THR A 112 6.32 1.56 -6.94
N LEU A 113 6.28 0.35 -6.39
CA LEU A 113 6.15 0.16 -4.94
C LEU A 113 7.24 0.88 -4.17
N LEU A 114 8.50 0.64 -4.58
CA LEU A 114 9.67 1.15 -3.86
C LEU A 114 9.83 2.67 -3.97
N VAL A 115 9.53 3.22 -5.14
CA VAL A 115 9.56 4.67 -5.33
C VAL A 115 8.37 5.36 -4.68
N ASN A 116 7.16 5.00 -5.12
CA ASN A 116 5.95 5.67 -4.67
C ASN A 116 5.65 5.50 -3.19
N LEU A 117 5.51 4.26 -2.75
CA LEU A 117 5.23 4.00 -1.34
C LEU A 117 6.50 4.03 -0.49
N GLY A 118 7.54 3.33 -0.96
CA GLY A 118 8.79 3.24 -0.23
C GLY A 118 9.48 4.57 0.01
N GLY A 119 9.42 5.46 -1.00
CA GLY A 119 10.08 6.74 -0.91
C GLY A 119 9.43 7.65 0.11
N ILE A 120 8.10 7.66 0.12
CA ILE A 120 7.33 8.37 1.14
C ILE A 120 7.72 7.90 2.55
N ILE A 121 7.68 6.58 2.77
CA ILE A 121 8.09 5.98 4.05
C ILE A 121 9.53 6.34 4.42
N ASN A 122 10.46 6.11 3.50
CA ASN A 122 11.87 6.43 3.70
C ASN A 122 12.09 7.88 4.12
N SER A 123 11.57 8.81 3.33
CA SER A 123 11.70 10.24 3.61
C SER A 123 11.06 10.64 4.93
N THR A 124 9.89 10.10 5.21
CA THR A 124 9.16 10.41 6.44
C THR A 124 9.91 9.94 7.69
N LEU A 125 10.17 8.64 7.78
CA LEU A 125 10.91 8.09 8.91
C LEU A 125 12.28 8.73 9.12
N SER A 126 12.94 9.12 8.01
CA SER A 126 14.25 9.74 8.08
C SER A 126 14.19 11.15 8.66
N ALA A 127 13.09 11.84 8.39
CA ALA A 127 12.94 13.24 8.79
C ALA A 127 12.67 13.40 10.28
N LEU A 128 12.04 12.39 10.87
CA LEU A 128 11.51 12.49 12.24
C LEU A 128 12.49 12.90 13.34
N PRO A 129 13.70 12.32 13.38
CA PRO A 129 14.63 12.71 14.45
C PRO A 129 14.93 14.21 14.46
N TYR A 130 15.06 14.78 13.28
CA TYR A 130 15.44 16.17 13.14
C TYR A 130 14.24 17.12 13.32
N MET A 131 13.05 16.54 13.42
CA MET A 131 11.84 17.34 13.61
C MET A 131 11.28 17.24 15.03
N GLY A 132 11.43 16.07 15.65
CA GLY A 132 10.76 15.77 16.91
C GLY A 132 11.26 16.54 18.11
N LYS A 133 10.31 17.09 18.89
CA LYS A 133 10.61 17.83 20.11
C LYS A 133 11.53 17.07 21.06
N ASP A 134 11.17 15.82 21.34
CA ASP A 134 11.93 14.95 22.23
C ASP A 134 13.39 14.74 21.78
N ASN A 135 13.67 15.00 20.51
CA ASN A 135 15.04 14.96 20.01
C ASN A 135 15.66 16.35 19.89
N GLY A 136 15.11 17.31 20.63
CA GLY A 136 15.60 18.67 20.63
C GLY A 136 15.05 19.53 19.51
N GLY A 137 14.21 18.95 18.67
CA GLY A 137 13.61 19.65 17.55
C GLY A 137 12.47 20.55 17.97
N LYS A 138 12.03 21.41 17.06
CA LYS A 138 10.91 22.32 17.34
C LYS A 138 9.54 21.70 17.07
N GLY A 139 9.53 20.54 16.42
CA GLY A 139 8.29 19.97 15.92
C GLY A 139 8.07 20.45 14.50
N GLY A 140 7.03 19.96 13.84
CA GLY A 140 6.78 20.33 12.47
C GLY A 140 5.63 19.58 11.81
N ILE A 141 5.65 19.55 10.48
CA ILE A 141 4.59 18.91 9.72
C ILE A 141 5.14 18.20 8.47
N VAL A 142 4.59 17.02 8.20
CA VAL A 142 4.93 16.26 6.99
C VAL A 142 3.70 16.14 6.11
N VAL A 143 3.74 16.78 4.94
CA VAL A 143 2.70 16.56 3.93
C VAL A 143 3.13 15.50 2.93
N ASN A 144 2.37 14.41 2.89
CA ASN A 144 2.66 13.32 1.97
C ASN A 144 1.73 13.34 0.77
N MET A 145 2.30 13.10 -0.41
CA MET A 145 1.52 13.15 -1.64
C MET A 145 0.91 11.81 -1.99
N SER A 146 -0.39 11.84 -2.28
CA SER A 146 -1.14 10.64 -2.66
C SER A 146 -1.95 10.95 -3.90
N SER A 147 -3.03 10.19 -4.10
CA SER A 147 -3.91 10.41 -5.24
C SER A 147 -5.37 10.25 -4.82
N VAL A 148 -6.27 10.71 -5.68
CA VAL A 148 -7.70 10.41 -5.53
C VAL A 148 -7.96 8.92 -5.72
N VAL A 149 -7.19 8.28 -6.60
CA VAL A 149 -7.34 6.85 -6.84
C VAL A 149 -6.87 6.04 -5.63
N GLY A 150 -6.09 6.69 -4.76
CA GLY A 150 -5.72 6.12 -3.48
C GLY A 150 -6.94 5.93 -2.59
N LEU A 151 -7.88 6.86 -2.71
CA LEU A 151 -9.12 6.80 -1.93
C LEU A 151 -10.14 5.91 -2.63
N ASP A 152 -10.35 6.17 -3.91
CA ASP A 152 -11.31 5.41 -4.70
C ASP A 152 -10.59 4.75 -5.86
N PRO A 153 -10.47 3.41 -5.82
CA PRO A 153 -9.68 2.65 -6.79
C PRO A 153 -10.03 2.97 -8.24
N MET A 154 -9.02 3.08 -9.09
CA MET A 154 -9.24 3.25 -10.52
C MET A 154 -8.72 2.04 -11.30
N PHE A 155 -9.66 1.36 -11.94
CA PHE A 155 -9.43 0.07 -12.59
C PHE A 155 -8.31 0.03 -13.63
N ILE A 156 -8.07 1.15 -14.31
CA ILE A 156 -7.02 1.22 -15.33
C ILE A 156 -5.61 1.12 -14.74
N ILE A 157 -5.45 1.62 -13.51
CA ILE A 157 -4.12 1.74 -12.90
C ILE A 157 -4.04 1.14 -11.49
N PRO A 158 -4.18 -0.19 -11.38
CA PRO A 158 -4.27 -0.88 -10.08
C PRO A 158 -3.01 -0.80 -9.22
N VAL A 159 -1.83 -0.98 -9.81
CA VAL A 159 -0.58 -0.98 -9.06
C VAL A 159 -0.27 0.40 -8.49
N TYR A 160 -0.30 1.39 -9.36
CA TYR A 160 -0.09 2.79 -8.98
C TYR A 160 -1.08 3.18 -7.87
N GLY A 161 -2.33 2.76 -8.03
CA GLY A 161 -3.37 3.00 -7.04
C GLY A 161 -3.06 2.42 -5.67
N ALA A 162 -2.68 1.15 -5.66
CA ALA A 162 -2.30 0.45 -4.43
C ALA A 162 -1.30 1.24 -3.59
N THR A 163 -0.28 1.80 -4.25
CA THR A 163 0.76 2.55 -3.53
C THR A 163 0.21 3.82 -2.90
N LYS A 164 -0.81 4.39 -3.53
CA LYS A 164 -1.42 5.62 -3.06
C LYS A 164 -2.33 5.35 -1.87
N ALA A 165 -3.05 4.24 -1.91
CA ALA A 165 -3.83 3.76 -0.77
C ALA A 165 -2.90 3.48 0.40
N GLY A 166 -1.73 2.94 0.09
CA GLY A 166 -0.72 2.65 1.09
C GLY A 166 -0.19 3.92 1.74
N ILE A 167 0.00 4.96 0.93
CA ILE A 167 0.50 6.24 1.42
C ILE A 167 -0.48 6.84 2.43
N ILE A 168 -1.76 6.88 2.06
CA ILE A 168 -2.82 7.43 2.92
C ILE A 168 -2.83 6.73 4.28
N ASN A 169 -2.95 5.41 4.26
CA ASN A 169 -3.02 4.61 5.47
C ASN A 169 -1.77 4.78 6.34
N PHE A 170 -0.60 4.77 5.70
CA PHE A 170 0.67 5.02 6.39
C PHE A 170 0.68 6.36 7.12
N THR A 171 0.35 7.43 6.39
CA THR A 171 0.41 8.79 6.92
C THR A 171 -0.58 9.00 8.07
N ARG A 172 -1.76 8.38 7.97
CA ARG A 172 -2.78 8.53 8.99
C ARG A 172 -2.37 7.88 10.31
N CYS A 173 -1.69 6.74 10.23
CA CYS A 173 -1.13 6.06 11.40
C CYS A 173 -0.32 7.00 12.29
N LEU A 174 0.64 7.68 11.67
CA LEU A 174 1.57 8.55 12.38
C LEU A 174 0.87 9.76 13.01
N ALA A 175 -0.36 10.02 12.57
CA ALA A 175 -1.14 11.13 13.10
C ALA A 175 -1.81 10.79 14.43
N ASN A 176 -1.18 9.90 15.19
CA ASN A 176 -1.70 9.51 16.50
C ASN A 176 -1.41 10.59 17.53
N GLU A 177 -2.39 10.86 18.39
CA GLU A 177 -2.27 11.89 19.41
C GLU A 177 -1.11 11.60 20.36
N LYS A 178 -0.92 10.33 20.71
CA LYS A 178 0.19 9.94 21.57
C LYS A 178 1.52 10.26 20.88
N TYR A 179 1.58 10.05 19.57
CA TYR A 179 2.79 10.38 18.81
C TYR A 179 3.01 11.89 18.84
N TYR A 180 1.93 12.65 18.69
CA TYR A 180 2.02 14.10 18.59
C TYR A 180 2.46 14.79 19.88
N GLN A 181 1.88 14.40 21.01
CA GLN A 181 2.33 14.97 22.30
C GLN A 181 3.78 14.61 22.62
N ARG A 182 4.26 13.48 22.12
CA ARG A 182 5.65 13.11 22.33
C ARG A 182 6.59 13.84 21.36
N SER A 183 6.20 13.91 20.09
CA SER A 183 7.09 14.43 19.05
C SER A 183 6.81 15.89 18.65
N GLY A 184 5.53 16.25 18.59
CA GLY A 184 5.13 17.57 18.13
C GLY A 184 5.00 17.66 16.62
N ILE A 185 5.26 16.53 15.95
CA ILE A 185 5.17 16.47 14.49
C ILE A 185 3.75 16.12 14.05
N LYS A 186 3.23 16.86 13.08
CA LYS A 186 1.93 16.53 12.48
C LYS A 186 2.09 15.89 11.10
N PHE A 187 1.03 15.21 10.67
CA PHE A 187 1.08 14.39 9.45
C PHE A 187 -0.20 14.55 8.62
N VAL A 188 -0.02 14.98 7.38
CA VAL A 188 -1.13 15.34 6.52
C VAL A 188 -1.00 14.65 5.15
N THR A 189 -2.12 14.20 4.60
CA THR A 189 -2.15 13.57 3.29
C THR A 189 -2.97 14.42 2.33
N VAL A 190 -2.43 14.68 1.14
CA VAL A 190 -3.17 15.39 0.11
C VAL A 190 -3.33 14.50 -1.12
N CYS A 191 -4.52 14.56 -1.72
CA CYS A 191 -4.89 13.64 -2.80
C CYS A 191 -5.38 14.39 -4.04
N PRO A 192 -4.46 14.74 -4.95
CA PRO A 192 -4.84 15.52 -6.14
C PRO A 192 -5.68 14.70 -7.13
N GLY A 193 -6.61 15.39 -7.79
CA GLY A 193 -7.44 14.78 -8.81
C GLY A 193 -6.86 15.00 -10.19
N ALA A 194 -7.74 15.32 -11.14
CA ALA A 194 -7.32 15.65 -12.51
C ALA A 194 -6.31 16.79 -12.48
N THR A 195 -5.09 16.51 -12.92
CA THR A 195 -4.00 17.49 -12.85
C THR A 195 -3.12 17.42 -14.09
N MET A 196 -2.69 18.57 -14.58
CA MET A 196 -1.80 18.61 -15.74
C MET A 196 -0.39 18.19 -15.35
N THR A 197 -0.18 16.88 -15.24
CA THR A 197 1.12 16.32 -14.89
C THR A 197 1.79 15.64 -16.08
N ASP A 198 3.10 15.84 -16.24
CA ASP A 198 3.85 15.18 -17.29
C ASP A 198 4.04 13.68 -16.99
N MET A 199 3.76 13.31 -15.74
CA MET A 199 3.78 11.91 -15.31
C MET A 199 2.87 10.99 -16.14
N PHE A 200 1.69 11.51 -16.50
CA PHE A 200 0.70 10.71 -17.24
C PHE A 200 0.85 10.80 -18.75
N THR A 201 1.97 11.34 -19.23
CA THR A 201 2.25 11.37 -20.66
C THR A 201 2.61 9.96 -21.12
N ASN A 202 2.17 9.59 -22.33
CA ASN A 202 2.31 8.23 -22.85
C ASN A 202 1.68 7.22 -21.91
N PHE A 203 0.50 7.58 -21.40
CA PHE A 203 -0.28 6.78 -20.47
C PHE A 203 -0.42 5.32 -20.87
N THR A 204 -0.94 5.08 -22.07
CA THR A 204 -1.28 3.73 -22.52
C THR A 204 -0.07 2.83 -22.74
N GLU A 205 1.12 3.41 -22.73
CA GLU A 205 2.35 2.62 -22.77
C GLU A 205 2.73 2.15 -21.37
N LYS A 206 2.02 2.65 -20.36
CA LYS A 206 2.37 2.40 -18.96
C LYS A 206 1.24 1.73 -18.18
N ILE A 207 0.37 1.01 -18.89
CA ILE A 207 -0.74 0.32 -18.25
C ILE A 207 -0.70 -1.18 -18.55
N ILE A 208 -1.21 -1.97 -17.61
CA ILE A 208 -1.16 -3.43 -17.70
C ILE A 208 -2.09 -3.97 -18.78
N PHE A 209 -3.38 -3.66 -18.66
CA PHE A 209 -4.38 -4.11 -19.63
C PHE A 209 -4.47 -3.12 -20.80
N PRO A 210 -3.93 -3.51 -21.96
CA PRO A 210 -3.77 -2.60 -23.11
C PRO A 210 -5.06 -2.21 -23.86
N GLU A 211 -6.08 -3.06 -23.81
CA GLU A 211 -7.30 -2.81 -24.58
C GLU A 211 -8.33 -1.93 -23.88
N THR A 212 -7.98 -1.39 -22.72
CA THR A 212 -8.93 -0.60 -21.96
C THR A 212 -8.89 0.91 -22.23
N SER A 213 -10.02 1.44 -22.69
CA SER A 213 -10.17 2.88 -22.88
C SER A 213 -10.15 3.62 -21.55
CA LEU A 223 -7.53 17.53 -16.75
C LEU A 223 -7.00 18.96 -16.65
N ASN A 224 -7.33 19.78 -17.65
CA ASN A 224 -6.86 21.16 -17.73
C ASN A 224 -7.21 22.07 -16.55
N LYS A 225 -8.23 21.69 -15.77
CA LYS A 225 -8.71 22.52 -14.66
C LYS A 225 -7.64 22.95 -13.66
N GLN A 226 -6.65 22.10 -13.35
CA GLN A 226 -5.59 22.55 -12.45
C GLN A 226 -4.19 22.12 -12.88
N SER A 227 -3.22 22.99 -12.59
CA SER A 227 -1.81 22.78 -12.90
C SER A 227 -1.01 22.49 -11.64
N ALA A 228 0.26 22.14 -11.82
CA ALA A 228 1.20 21.96 -10.72
C ALA A 228 1.22 23.18 -9.79
N ALA A 229 1.31 24.38 -10.36
CA ALA A 229 1.31 25.60 -9.58
C ALA A 229 0.02 25.77 -8.77
N ASP A 230 -1.10 25.35 -9.34
CA ASP A 230 -2.39 25.38 -8.65
C ASP A 230 -2.40 24.43 -7.45
N VAL A 231 -1.91 23.22 -7.66
CA VAL A 231 -1.83 22.20 -6.62
C VAL A 231 -0.87 22.67 -5.52
N SER A 232 0.26 23.22 -5.93
CA SER A 232 1.25 23.78 -5.02
C SER A 232 0.67 24.85 -4.10
N ARG A 233 -0.12 25.76 -4.67
CA ARG A 233 -0.79 26.79 -3.89
C ARG A 233 -1.72 26.15 -2.86
N CYS A 234 -2.41 25.09 -3.29
CA CYS A 234 -3.25 24.31 -2.41
C CYS A 234 -2.48 23.65 -1.27
N ILE A 235 -1.28 23.15 -1.58
CA ILE A 235 -0.43 22.51 -0.57
C ILE A 235 0.00 23.51 0.50
N LEU A 236 0.44 24.69 0.08
CA LEU A 236 0.85 25.74 1.02
C LEU A 236 -0.34 26.19 1.86
N ASN A 237 -1.52 26.21 1.24
CA ASN A 237 -2.77 26.46 1.94
C ASN A 237 -2.97 25.45 3.07
N VAL A 238 -2.88 24.17 2.70
CA VAL A 238 -2.96 23.07 3.64
C VAL A 238 -1.91 23.18 4.75
N LEU A 239 -0.68 23.54 4.39
CA LEU A 239 0.40 23.70 5.36
C LEU A 239 0.06 24.70 6.46
N GLU A 240 -0.51 25.84 6.06
CA GLU A 240 -0.92 26.87 7.00
C GLU A 240 -2.03 26.40 7.92
N LYS A 241 -2.90 25.52 7.42
CA LYS A 241 -3.98 24.96 8.21
C LYS A 241 -3.46 24.18 9.41
N ASP A 242 -2.35 23.48 9.21
CA ASP A 242 -1.67 22.74 10.26
C ASP A 242 -2.59 21.80 11.05
N LYS A 243 -3.49 21.12 10.35
CA LYS A 243 -4.41 20.17 11.00
C LYS A 243 -3.89 18.74 10.91
N ASN A 244 -3.52 18.18 12.06
CA ASN A 244 -2.99 16.82 12.14
C ASN A 244 -3.99 15.78 11.68
N GLY A 245 -3.52 14.82 10.89
CA GLY A 245 -4.33 13.68 10.48
C GLY A 245 -5.29 13.97 9.35
N ALA A 246 -5.22 15.18 8.83
CA ALA A 246 -6.15 15.62 7.80
C ALA A 246 -5.85 14.98 6.44
N VAL A 247 -6.90 14.77 5.67
CA VAL A 247 -6.78 14.24 4.30
C VAL A 247 -7.49 15.19 3.35
N TYR A 248 -6.74 15.75 2.40
CA TYR A 248 -7.30 16.73 1.48
C TYR A 248 -7.35 16.20 0.05
N VAL A 249 -8.43 16.52 -0.66
CA VAL A 249 -8.49 16.31 -2.09
C VAL A 249 -8.27 17.64 -2.79
N ILE A 250 -7.44 17.64 -3.82
CA ILE A 250 -7.16 18.86 -4.58
C ILE A 250 -7.65 18.70 -6.01
N GLU A 251 -8.78 19.33 -6.30
CA GLU A 251 -9.41 19.24 -7.61
C GLU A 251 -9.92 20.60 -8.08
N GLY A 252 -9.63 20.93 -9.33
CA GLY A 252 -10.02 22.21 -9.90
C GLY A 252 -9.50 23.43 -9.16
N LYS A 253 -8.21 23.40 -8.79
CA LYS A 253 -7.54 24.52 -8.11
C LYS A 253 -8.07 24.74 -6.69
N ARG A 254 -8.70 23.71 -6.11
CA ARG A 254 -9.43 23.89 -4.87
C ARG A 254 -9.16 22.76 -3.87
N VAL A 255 -9.22 23.08 -2.58
CA VAL A 255 -8.87 22.16 -1.51
C VAL A 255 -10.11 21.63 -0.79
N TYR A 256 -10.31 20.32 -0.82
CA TYR A 256 -11.43 19.71 -0.12
C TYR A 256 -11.01 18.78 1.01
N PRO A 257 -11.33 19.14 2.27
CA PRO A 257 -11.09 18.24 3.39
C PRO A 257 -12.09 17.08 3.41
N LEU A 258 -11.61 15.87 3.65
CA LEU A 258 -12.47 14.70 3.75
C LEU A 258 -12.77 14.28 5.18
N GLU A 259 -14.03 13.95 5.43
CA GLU A 259 -14.43 13.31 6.68
C GLU A 259 -14.31 11.78 6.48
N ILE A 260 -13.18 11.21 6.89
CA ILE A 260 -12.95 9.78 6.65
C ILE A 260 -13.56 8.98 7.79
N LYS A 261 -14.72 8.39 7.51
CA LYS A 261 -15.41 7.54 8.46
C LYS A 261 -14.84 6.12 8.40
N PRO A 262 -14.70 5.49 9.58
CA PRO A 262 -14.26 4.09 9.71
C PRO A 262 -15.00 3.13 8.79
N GLN A 263 -14.26 2.16 8.24
CA GLN A 263 -14.83 1.17 7.34
C GLN A 263 -15.51 0.05 8.12
N TRP A 264 -14.90 -0.33 9.23
CA TRP A 264 -15.42 -1.41 10.06
C TRP A 264 -16.25 -0.93 11.24
N THR A 265 -17.57 -1.09 11.12
CA THR A 265 -18.50 -0.78 12.19
C THR A 265 -19.09 -2.08 12.75
N GLY A 266 -19.80 -1.98 13.87
CA GLY A 266 -20.46 -3.15 14.44
C GLY A 266 -21.83 -3.38 13.84
N LYS A 267 -22.23 -2.50 12.92
CA LYS A 267 -23.51 -2.64 12.25
C LYS A 267 -23.49 -3.72 11.16
N GLU A 268 -22.30 -4.24 10.85
CA GLU A 268 -22.19 -5.30 9.85
C GLU A 268 -22.78 -6.64 10.28
N GLN A 269 -23.62 -7.21 9.42
CA GLN A 269 -24.33 -8.44 9.72
C GLN A 269 -23.56 -9.65 9.18
N ALA A 270 -23.27 -10.62 10.06
CA ALA A 270 -22.45 -11.76 9.68
C ALA A 270 -23.16 -12.67 8.67
N LEU A 271 -22.47 -12.98 7.57
CA LEU A 271 -23.00 -13.88 6.56
C LEU A 271 -22.40 -15.27 6.72
N HIS B 7 -10.20 -38.35 7.47
CA HIS B 7 -10.09 -39.21 6.30
C HIS B 7 -11.00 -38.77 5.14
N HIS B 8 -12.27 -38.55 5.45
CA HIS B 8 -13.29 -38.35 4.42
C HIS B 8 -13.05 -37.13 3.53
N VAL B 9 -13.13 -37.36 2.23
CA VAL B 9 -13.00 -36.28 1.24
C VAL B 9 -14.39 -35.89 0.74
N GLY B 10 -14.66 -34.59 0.69
CA GLY B 10 -16.00 -34.10 0.40
C GLY B 10 -16.21 -33.71 -1.05
N THR B 11 -17.26 -32.93 -1.31
CA THR B 11 -17.67 -32.61 -2.67
C THR B 11 -17.84 -31.10 -2.93
N SER B 12 -17.72 -30.30 -1.87
CA SER B 12 -17.87 -28.85 -1.96
C SER B 12 -17.04 -28.17 -3.05
N PHE B 13 -15.81 -28.64 -3.23
CA PHE B 13 -14.91 -28.07 -4.24
C PHE B 13 -14.46 -29.12 -5.25
N ARG B 14 -15.33 -30.09 -5.50
CA ARG B 14 -15.10 -31.14 -6.50
C ARG B 14 -14.74 -30.57 -7.87
N GLY B 15 -13.65 -31.06 -8.45
CA GLY B 15 -13.23 -30.66 -9.78
C GLY B 15 -12.55 -29.31 -9.88
N LYS B 16 -12.25 -28.71 -8.73
CA LYS B 16 -11.67 -27.38 -8.70
C LYS B 16 -10.14 -27.43 -8.57
N ASN B 17 -9.46 -26.59 -9.35
CA ASN B 17 -8.01 -26.47 -9.25
C ASN B 17 -7.64 -25.19 -8.51
N ALA B 18 -6.73 -25.30 -7.56
CA ALA B 18 -6.49 -24.21 -6.63
C ALA B 18 -5.01 -23.96 -6.35
N VAL B 19 -4.62 -22.69 -6.41
CA VAL B 19 -3.26 -22.28 -6.08
C VAL B 19 -3.29 -21.48 -4.78
N VAL B 20 -2.34 -21.77 -3.89
CA VAL B 20 -2.31 -21.15 -2.56
C VAL B 20 -0.91 -20.71 -2.19
N THR B 21 -0.66 -19.41 -2.20
CA THR B 21 0.62 -18.88 -1.72
C THR B 21 0.59 -18.84 -0.19
N GLY B 22 1.72 -19.16 0.43
CA GLY B 22 1.82 -19.16 1.88
C GLY B 22 1.30 -20.44 2.51
N GLY B 23 1.05 -21.43 1.67
CA GLY B 23 0.38 -22.65 2.08
C GLY B 23 1.17 -23.66 2.91
N ALA B 24 2.40 -23.34 3.29
CA ALA B 24 3.19 -24.25 4.12
C ALA B 24 2.93 -24.06 5.61
N GLY B 25 2.47 -22.87 5.98
CA GLY B 25 2.20 -22.56 7.37
C GLY B 25 0.93 -21.77 7.59
N GLY B 26 0.61 -21.53 8.86
CA GLY B 26 -0.54 -20.73 9.28
C GLY B 26 -1.83 -20.95 8.52
N ILE B 27 -2.49 -19.86 8.16
CA ILE B 27 -3.80 -19.91 7.50
C ILE B 27 -3.70 -20.63 6.15
N GLY B 28 -2.66 -20.31 5.38
CA GLY B 28 -2.44 -20.90 4.07
C GLY B 28 -2.42 -22.42 4.10
N LEU B 29 -1.74 -22.97 5.10
CA LEU B 29 -1.64 -24.43 5.25
C LEU B 29 -3.02 -25.03 5.50
N GLN B 30 -3.80 -24.38 6.35
CA GLN B 30 -5.16 -24.84 6.63
C GLN B 30 -6.07 -24.71 5.40
N VAL B 31 -5.94 -23.59 4.69
CA VAL B 31 -6.67 -23.39 3.43
C VAL B 31 -6.41 -24.55 2.47
N SER B 32 -5.15 -24.99 2.39
CA SER B 32 -4.77 -26.07 1.49
C SER B 32 -5.41 -27.38 1.92
N LYS B 33 -5.31 -27.69 3.21
CA LYS B 33 -5.91 -28.89 3.79
C LYS B 33 -7.43 -28.93 3.58
N GLN B 34 -8.08 -27.83 3.94
CA GLN B 34 -9.53 -27.77 3.88
C GLN B 34 -10.07 -27.86 2.45
N LEU B 35 -9.30 -27.37 1.47
CA LEU B 35 -9.70 -27.47 0.07
C LEU B 35 -9.58 -28.92 -0.42
N LEU B 36 -8.49 -29.58 -0.04
CA LEU B 36 -8.32 -30.99 -0.34
C LEU B 36 -9.39 -31.84 0.35
N ALA B 37 -9.72 -31.48 1.59
CA ALA B 37 -10.75 -32.19 2.34
C ALA B 37 -12.13 -31.99 1.71
N ALA B 38 -12.31 -30.84 1.06
CA ALA B 38 -13.56 -30.53 0.37
C ALA B 38 -13.58 -31.14 -1.04
N GLY B 39 -12.51 -31.83 -1.40
CA GLY B 39 -12.47 -32.59 -2.63
C GLY B 39 -12.00 -31.83 -3.86
N ALA B 40 -11.09 -30.89 -3.65
CA ALA B 40 -10.51 -30.15 -4.76
C ALA B 40 -9.66 -31.11 -5.59
N ALA B 41 -9.90 -31.11 -6.90
CA ALA B 41 -9.20 -32.01 -7.82
C ALA B 41 -7.68 -31.81 -7.75
N LYS B 42 -7.25 -30.56 -7.67
CA LYS B 42 -5.83 -30.22 -7.64
C LYS B 42 -5.56 -29.01 -6.74
N VAL B 43 -4.48 -29.07 -5.98
CA VAL B 43 -4.07 -27.97 -5.12
C VAL B 43 -2.55 -27.74 -5.22
N ALA B 44 -2.17 -26.52 -5.58
CA ALA B 44 -0.76 -26.15 -5.65
C ALA B 44 -0.40 -25.20 -4.52
N ILE B 45 0.82 -25.35 -3.99
CA ILE B 45 1.25 -24.56 -2.84
C ILE B 45 2.55 -23.83 -3.13
N ILE B 46 2.55 -22.52 -2.89
CA ILE B 46 3.72 -21.69 -3.12
C ILE B 46 4.17 -21.06 -1.82
N ASP B 47 5.40 -21.35 -1.40
CA ASP B 47 5.89 -20.93 -0.10
C ASP B 47 7.41 -20.97 -0.06
N LEU B 48 8.01 -20.20 0.84
CA LEU B 48 9.45 -20.16 1.00
C LEU B 48 9.98 -21.35 1.80
N GLN B 49 9.20 -21.78 2.79
CA GLN B 49 9.65 -22.85 3.67
C GLN B 49 9.20 -24.24 3.19
N ASP B 50 10.07 -25.22 3.39
CA ASP B 50 9.79 -26.60 3.02
C ASP B 50 9.18 -27.31 4.23
N ASN B 51 8.04 -27.96 4.02
CA ASN B 51 7.38 -28.67 5.09
C ASN B 51 7.10 -30.11 4.66
N LEU B 52 8.17 -30.87 4.46
CA LEU B 52 8.09 -32.19 3.85
C LEU B 52 7.25 -33.15 4.70
N GLU B 53 7.46 -33.12 6.01
CA GLU B 53 6.74 -34.01 6.92
C GLU B 53 5.22 -33.78 6.92
N GLU B 54 4.81 -32.54 6.70
CA GLU B 54 3.38 -32.22 6.58
C GLU B 54 2.84 -32.62 5.20
N PHE B 55 3.63 -32.38 4.17
CA PHE B 55 3.23 -32.66 2.79
C PHE B 55 3.22 -34.16 2.43
N VAL B 56 4.13 -34.93 3.02
CA VAL B 56 4.08 -36.39 2.84
C VAL B 56 2.76 -36.96 3.37
N LYS B 57 2.33 -36.51 4.55
CA LYS B 57 1.05 -36.93 5.11
C LYS B 57 -0.10 -36.46 4.24
N LEU B 58 0.05 -35.24 3.70
CA LEU B 58 -1.02 -34.61 2.94
C LEU B 58 -1.28 -35.34 1.62
N ARG B 59 -0.21 -35.65 0.90
CA ARG B 59 -0.30 -36.46 -0.31
C ARG B 59 -0.91 -37.84 -0.02
N ALA B 60 -0.44 -38.48 1.05
CA ALA B 60 -1.00 -39.75 1.50
C ALA B 60 -2.52 -39.70 1.70
N ALA B 61 -2.97 -38.67 2.41
CA ALA B 61 -4.39 -38.55 2.76
C ALA B 61 -5.25 -38.18 1.56
N HIS B 62 -4.61 -37.81 0.46
CA HIS B 62 -5.33 -37.38 -0.74
C HIS B 62 -4.70 -37.97 -2.00
N PRO B 63 -4.76 -39.31 -2.15
CA PRO B 63 -4.09 -40.03 -3.23
C PRO B 63 -4.69 -39.73 -4.60
N THR B 64 -6.00 -39.49 -4.64
CA THR B 64 -6.69 -39.24 -5.90
C THR B 64 -6.79 -37.76 -6.21
N GLN B 65 -6.04 -36.95 -5.47
CA GLN B 65 -6.00 -35.52 -5.68
C GLN B 65 -4.56 -35.07 -5.91
N SER B 66 -4.38 -34.06 -6.76
CA SER B 66 -3.05 -33.52 -7.00
C SER B 66 -2.64 -32.59 -5.88
N VAL B 67 -1.44 -32.82 -5.34
CA VAL B 67 -0.86 -31.92 -4.34
C VAL B 67 0.54 -31.53 -4.80
N MET B 68 0.64 -30.30 -5.30
CA MET B 68 1.90 -29.81 -5.86
C MET B 68 2.52 -28.73 -4.98
N ILE B 69 3.81 -28.88 -4.69
CA ILE B 69 4.53 -27.95 -3.81
C ILE B 69 5.72 -27.31 -4.53
N ILE B 70 5.75 -25.97 -4.55
CA ILE B 70 6.86 -25.24 -5.14
C ILE B 70 7.48 -24.28 -4.13
N LYS B 71 8.80 -24.32 -3.98
CA LYS B 71 9.50 -23.37 -3.14
C LYS B 71 9.80 -22.11 -3.94
N MET B 72 9.21 -20.99 -3.53
CA MET B 72 9.38 -19.75 -4.28
C MET B 72 9.02 -18.50 -3.47
N ASP B 73 9.86 -17.47 -3.60
CA ASP B 73 9.60 -16.16 -3.02
C ASP B 73 8.59 -15.42 -3.88
N VAL B 74 7.44 -15.09 -3.31
CA VAL B 74 6.38 -14.42 -4.05
C VAL B 74 6.79 -13.01 -4.48
N ALA B 75 7.82 -12.47 -3.83
CA ALA B 75 8.39 -11.18 -4.22
C ALA B 75 9.12 -11.27 -5.55
N ASN B 76 9.53 -12.48 -5.91
CA ASN B 76 10.27 -12.72 -7.14
C ASN B 76 9.32 -12.78 -8.34
N LYS B 77 9.24 -11.67 -9.07
CA LYS B 77 8.32 -11.54 -10.20
C LYS B 77 8.43 -12.67 -11.21
N LYS B 78 9.63 -12.90 -11.71
CA LYS B 78 9.86 -13.86 -12.78
C LYS B 78 9.72 -15.29 -12.27
N GLY B 79 10.21 -15.52 -11.05
CA GLY B 79 10.01 -16.79 -10.36
C GLY B 79 8.54 -17.19 -10.28
N VAL B 80 7.72 -16.28 -9.76
CA VAL B 80 6.27 -16.50 -9.69
C VAL B 80 5.67 -16.79 -11.06
N GLU B 81 6.06 -16.00 -12.05
CA GLU B 81 5.62 -16.22 -13.43
C GLU B 81 5.98 -17.63 -13.91
N ALA B 82 7.26 -17.97 -13.80
CA ALA B 82 7.75 -19.31 -14.05
C ALA B 82 6.94 -20.38 -13.30
N THR B 83 6.78 -20.16 -12.00
CA THR B 83 6.09 -21.11 -11.14
C THR B 83 4.68 -21.41 -11.63
N TYR B 84 4.00 -20.38 -12.12
CA TYR B 84 2.64 -20.53 -12.63
C TYR B 84 2.60 -21.30 -13.95
N GLU B 85 3.63 -21.11 -14.77
CA GLU B 85 3.75 -21.83 -16.04
C GLU B 85 3.78 -23.32 -15.79
N GLU B 86 4.63 -23.74 -14.85
CA GLU B 86 4.76 -25.13 -14.49
C GLU B 86 3.45 -25.70 -13.91
N ILE B 87 2.84 -24.95 -13.01
CA ILE B 87 1.57 -25.34 -12.42
C ILE B 87 0.50 -25.52 -13.49
N ALA B 88 0.44 -24.57 -14.41
CA ALA B 88 -0.55 -24.59 -15.46
C ALA B 88 -0.44 -25.79 -16.40
N LYS B 89 0.78 -26.18 -16.77
CA LYS B 89 0.98 -27.35 -17.63
C LYS B 89 0.42 -28.63 -16.99
N THR B 90 0.59 -28.80 -15.68
CA THR B 90 0.05 -29.96 -14.99
C THR B 90 -1.45 -29.81 -14.74
N PHE B 91 -1.82 -28.67 -14.17
CA PHE B 91 -3.21 -28.39 -13.80
C PHE B 91 -4.11 -28.20 -15.01
N GLY B 92 -3.63 -27.42 -15.99
CA GLY B 92 -4.40 -27.15 -17.18
C GLY B 92 -5.31 -25.94 -17.04
N ASN B 93 -5.66 -25.64 -15.80
CA ASN B 93 -6.55 -24.52 -15.49
C ASN B 93 -6.46 -24.14 -14.02
N ILE B 94 -6.75 -22.88 -13.71
CA ILE B 94 -6.71 -22.43 -12.33
C ILE B 94 -8.05 -21.77 -11.97
N ASP B 95 -8.85 -22.46 -11.17
CA ASP B 95 -10.17 -21.95 -10.79
C ASP B 95 -10.12 -21.05 -9.57
N ILE B 96 -9.17 -21.31 -8.67
CA ILE B 96 -9.09 -20.58 -7.40
C ILE B 96 -7.66 -20.18 -7.05
N VAL B 97 -7.46 -18.90 -6.72
CA VAL B 97 -6.20 -18.45 -6.17
C VAL B 97 -6.44 -17.76 -4.83
N VAL B 98 -5.80 -18.28 -3.79
CA VAL B 98 -5.83 -17.63 -2.49
C VAL B 98 -4.41 -17.20 -2.13
N ASN B 99 -4.18 -15.89 -2.19
CA ASN B 99 -2.86 -15.34 -1.93
C ASN B 99 -2.72 -14.98 -0.45
N VAL B 100 -2.14 -15.88 0.32
CA VAL B 100 -2.08 -15.76 1.77
C VAL B 100 -0.70 -15.29 2.24
N ALA B 101 0.34 -15.67 1.50
CA ALA B 101 1.73 -15.37 1.86
C ALA B 101 1.96 -13.91 2.22
N GLY B 102 2.54 -13.68 3.39
CA GLY B 102 2.92 -12.36 3.83
C GLY B 102 3.79 -12.43 5.07
N ILE B 103 4.24 -11.26 5.54
CA ILE B 103 5.10 -11.17 6.72
C ILE B 103 4.74 -9.97 7.57
N PHE B 104 5.29 -9.94 8.78
CA PHE B 104 5.24 -8.72 9.60
C PHE B 104 6.63 -8.32 10.04
N ASN B 105 7.16 -7.27 9.41
CA ASN B 105 8.44 -6.69 9.79
C ASN B 105 8.49 -5.21 9.42
N ASP B 106 8.33 -4.34 10.40
CA ASP B 106 8.36 -2.89 10.17
C ASP B 106 9.79 -2.38 10.08
N LYS B 107 10.68 -3.05 10.81
CA LYS B 107 12.10 -2.72 10.77
C LYS B 107 12.66 -2.85 9.35
N ASP B 108 12.17 -3.82 8.59
CA ASP B 108 12.59 -3.97 7.20
C ASP B 108 11.45 -3.52 6.27
N VAL B 109 11.53 -2.28 5.81
CA VAL B 109 10.46 -1.68 5.02
C VAL B 109 10.39 -2.28 3.60
N GLN B 110 11.52 -2.27 2.91
CA GLN B 110 11.62 -2.81 1.55
C GLN B 110 11.04 -4.21 1.41
N ARG B 111 11.45 -5.09 2.30
CA ARG B 111 11.01 -6.49 2.29
C ARG B 111 9.50 -6.59 2.48
N THR B 112 8.97 -5.84 3.44
CA THR B 112 7.54 -5.81 3.71
C THR B 112 6.74 -5.44 2.46
N LEU B 113 7.09 -4.32 1.83
CA LEU B 113 6.41 -3.87 0.62
C LEU B 113 6.41 -4.93 -0.48
N LEU B 114 7.59 -5.47 -0.76
CA LEU B 114 7.79 -6.40 -1.88
C LEU B 114 7.14 -7.76 -1.64
N VAL B 115 7.20 -8.24 -0.41
CA VAL B 115 6.54 -9.50 -0.05
C VAL B 115 5.02 -9.33 0.06
N ASN B 116 4.59 -8.47 0.98
CA ASN B 116 3.16 -8.32 1.28
C ASN B 116 2.34 -7.78 0.12
N LEU B 117 2.71 -6.60 -0.38
CA LEU B 117 1.99 -6.00 -1.50
C LEU B 117 2.45 -6.57 -2.84
N GLY B 118 3.77 -6.63 -3.03
CA GLY B 118 4.34 -7.12 -4.27
C GLY B 118 3.98 -8.56 -4.60
N GLY B 119 3.94 -9.41 -3.57
CA GLY B 119 3.67 -10.83 -3.77
C GLY B 119 2.23 -11.09 -4.19
N ILE B 120 1.30 -10.40 -3.54
CA ILE B 120 -0.11 -10.42 -3.94
C ILE B 120 -0.26 -10.05 -5.41
N ILE B 121 0.30 -8.90 -5.79
CA ILE B 121 0.30 -8.41 -7.18
C ILE B 121 0.93 -9.42 -8.15
N ASN B 122 2.15 -9.87 -7.82
CA ASN B 122 2.85 -10.85 -8.66
C ASN B 122 2.00 -12.10 -8.91
N SER B 123 1.52 -12.71 -7.83
CA SER B 123 0.69 -13.92 -7.91
C SER B 123 -0.61 -13.68 -8.67
N THR B 124 -1.26 -12.56 -8.42
CA THR B 124 -2.52 -12.25 -9.09
C THR B 124 -2.33 -12.08 -10.59
N LEU B 125 -1.50 -11.12 -10.99
CA LEU B 125 -1.22 -10.88 -12.40
C LEU B 125 -0.71 -12.12 -13.14
N SER B 126 0.06 -12.95 -12.45
CA SER B 126 0.59 -14.18 -13.04
C SER B 126 -0.49 -15.22 -13.29
N ALA B 127 -1.50 -15.23 -12.42
CA ALA B 127 -2.56 -16.23 -12.49
C ALA B 127 -3.54 -15.99 -13.62
N LEU B 128 -3.71 -14.72 -13.98
CA LEU B 128 -4.79 -14.31 -14.89
C LEU B 128 -4.85 -15.00 -16.26
N PRO B 129 -3.71 -15.16 -16.96
CA PRO B 129 -3.80 -15.82 -18.26
C PRO B 129 -4.40 -17.23 -18.19
N TYR B 130 -4.05 -17.97 -17.15
CA TYR B 130 -4.49 -19.35 -17.01
C TYR B 130 -5.90 -19.48 -16.44
N MET B 131 -6.47 -18.35 -16.04
CA MET B 131 -7.83 -18.34 -15.50
C MET B 131 -8.83 -17.72 -16.47
N GLY B 132 -8.38 -16.74 -17.24
CA GLY B 132 -9.29 -15.94 -18.05
C GLY B 132 -9.91 -16.69 -19.21
N LYS B 133 -11.22 -16.52 -19.36
CA LYS B 133 -11.99 -17.12 -20.46
C LYS B 133 -11.37 -16.88 -21.82
N ASP B 134 -11.01 -15.61 -22.09
CA ASP B 134 -10.40 -15.22 -23.35
C ASP B 134 -9.13 -15.98 -23.71
N ASN B 135 -8.46 -16.56 -22.70
CA ASN B 135 -7.32 -17.44 -22.95
C ASN B 135 -7.67 -18.91 -22.85
N GLY B 136 -8.94 -19.24 -23.04
CA GLY B 136 -9.39 -20.62 -22.99
C GLY B 136 -9.69 -21.12 -21.58
N GLY B 137 -9.53 -20.25 -20.59
CA GLY B 137 -9.79 -20.63 -19.22
C GLY B 137 -11.28 -20.69 -18.94
N LYS B 138 -11.64 -21.30 -17.82
CA LYS B 138 -13.04 -21.42 -17.43
C LYS B 138 -13.53 -20.22 -16.63
N GLY B 139 -12.60 -19.34 -16.27
CA GLY B 139 -12.89 -18.26 -15.35
C GLY B 139 -12.61 -18.75 -13.95
N GLY B 140 -12.75 -17.88 -12.96
CA GLY B 140 -12.43 -18.27 -11.59
C GLY B 140 -12.48 -17.13 -10.59
N ILE B 141 -11.79 -17.31 -9.47
CA ILE B 141 -11.81 -16.33 -8.40
C ILE B 141 -10.44 -16.20 -7.72
N VAL B 142 -10.05 -14.97 -7.41
CA VAL B 142 -8.84 -14.69 -6.65
C VAL B 142 -9.20 -14.05 -5.31
N VAL B 143 -8.96 -14.78 -4.22
CA VAL B 143 -9.07 -14.21 -2.89
C VAL B 143 -7.72 -13.69 -2.41
N ASN B 144 -7.64 -12.38 -2.18
CA ASN B 144 -6.41 -11.77 -1.70
C ASN B 144 -6.48 -11.49 -0.20
N MET B 145 -5.41 -11.81 0.51
CA MET B 145 -5.40 -11.65 1.96
C MET B 145 -4.90 -10.27 2.35
N SER B 146 -5.66 -9.62 3.24
CA SER B 146 -5.32 -8.30 3.74
C SER B 146 -5.43 -8.28 5.26
N SER B 147 -5.67 -7.11 5.83
CA SER B 147 -5.86 -7.00 7.27
C SER B 147 -6.98 -6.03 7.59
N VAL B 148 -7.44 -6.05 8.85
CA VAL B 148 -8.34 -5.01 9.35
C VAL B 148 -7.64 -3.66 9.41
N VAL B 149 -6.34 -3.67 9.70
CA VAL B 149 -5.56 -2.44 9.77
C VAL B 149 -5.40 -1.83 8.38
N GLY B 150 -5.62 -2.65 7.34
CA GLY B 150 -5.69 -2.16 5.98
C GLY B 150 -6.87 -1.23 5.77
N LEU B 151 -7.96 -1.50 6.46
CA LEU B 151 -9.15 -0.67 6.39
C LEU B 151 -9.04 0.51 7.36
N ASP B 152 -8.72 0.21 8.60
CA ASP B 152 -8.57 1.22 9.64
C ASP B 152 -7.17 1.18 10.22
N PRO B 153 -6.38 2.23 9.94
CA PRO B 153 -4.96 2.29 10.31
C PRO B 153 -4.68 1.99 11.79
N MET B 154 -3.63 1.23 12.05
CA MET B 154 -3.19 0.96 13.41
C MET B 154 -1.82 1.60 13.64
N PHE B 155 -1.76 2.58 14.54
CA PHE B 155 -0.59 3.46 14.67
C PHE B 155 0.73 2.74 14.96
N ILE B 156 0.65 1.60 15.64
CA ILE B 156 1.85 0.84 16.01
C ILE B 156 2.57 0.24 14.80
N ILE B 157 1.80 -0.08 13.74
CA ILE B 157 2.39 -0.79 12.61
C ILE B 157 2.06 -0.12 11.26
N PRO B 158 2.62 1.08 11.04
CA PRO B 158 2.30 1.89 9.85
C PRO B 158 2.71 1.26 8.52
N VAL B 159 3.89 0.65 8.46
CA VAL B 159 4.40 0.06 7.22
C VAL B 159 3.57 -1.15 6.81
N TYR B 160 3.42 -2.09 7.74
CA TYR B 160 2.62 -3.29 7.52
C TYR B 160 1.19 -2.91 7.09
N GLY B 161 0.63 -1.90 7.76
CA GLY B 161 -0.68 -1.39 7.44
C GLY B 161 -0.80 -0.88 6.02
N ALA B 162 0.13 -0.02 5.62
CA ALA B 162 0.19 0.52 4.27
C ALA B 162 0.06 -0.55 3.19
N THR B 163 0.76 -1.66 3.35
CA THR B 163 0.74 -2.74 2.36
C THR B 163 -0.63 -3.39 2.28
N LYS B 164 -1.34 -3.38 3.40
CA LYS B 164 -2.66 -3.99 3.48
C LYS B 164 -3.73 -3.10 2.86
N ALA B 165 -3.59 -1.79 3.06
CA ALA B 165 -4.41 -0.81 2.37
C ALA B 165 -4.20 -0.91 0.87
N GLY B 166 -2.95 -1.15 0.47
CA GLY B 166 -2.60 -1.31 -0.93
C GLY B 166 -3.22 -2.54 -1.54
N ILE B 167 -3.25 -3.63 -0.77
CA ILE B 167 -3.83 -4.89 -1.22
C ILE B 167 -5.31 -4.72 -1.52
N ILE B 168 -6.03 -4.11 -0.58
CA ILE B 168 -7.46 -3.87 -0.74
C ILE B 168 -7.74 -3.08 -2.01
N ASN B 169 -7.10 -1.91 -2.13
CA ASN B 169 -7.30 -1.02 -3.27
C ASN B 169 -6.94 -1.70 -4.60
N PHE B 170 -5.81 -2.41 -4.60
CA PHE B 170 -5.40 -3.21 -5.77
C PHE B 170 -6.47 -4.22 -6.20
N THR B 171 -6.92 -5.03 -5.25
CA THR B 171 -7.86 -6.12 -5.53
C THR B 171 -9.21 -5.59 -6.03
N ARG B 172 -9.65 -4.46 -5.49
CA ARG B 172 -10.91 -3.85 -5.87
C ARG B 172 -10.90 -3.35 -7.31
N CYS B 173 -9.77 -2.79 -7.74
CA CYS B 173 -9.57 -2.36 -9.13
C CYS B 173 -9.94 -3.45 -10.12
N LEU B 174 -9.36 -4.63 -9.93
CA LEU B 174 -9.53 -5.74 -10.85
C LEU B 174 -10.97 -6.26 -10.90
N ALA B 175 -11.78 -5.86 -9.92
CA ALA B 175 -13.18 -6.25 -9.85
C ALA B 175 -14.09 -5.44 -10.78
N ASN B 176 -13.53 -5.00 -11.91
CA ASN B 176 -14.26 -4.21 -12.89
C ASN B 176 -15.26 -5.04 -13.71
N GLU B 177 -16.45 -4.49 -13.92
CA GLU B 177 -17.49 -5.20 -14.66
C GLU B 177 -17.07 -5.55 -16.08
N LYS B 178 -16.40 -4.61 -16.75
CA LYS B 178 -15.92 -4.83 -18.10
C LYS B 178 -14.89 -5.94 -18.16
N TYR B 179 -13.99 -5.98 -17.18
CA TYR B 179 -12.98 -7.03 -17.12
C TYR B 179 -13.60 -8.39 -16.87
N TYR B 180 -14.59 -8.43 -15.97
CA TYR B 180 -15.23 -9.69 -15.62
C TYR B 180 -15.97 -10.29 -16.80
N GLN B 181 -16.68 -9.46 -17.54
CA GLN B 181 -17.41 -9.91 -18.72
C GLN B 181 -16.46 -10.46 -19.78
N ARG B 182 -15.24 -9.92 -19.83
CA ARG B 182 -14.22 -10.38 -20.76
C ARG B 182 -13.45 -11.60 -20.26
N SER B 183 -13.09 -11.58 -18.98
CA SER B 183 -12.20 -12.60 -18.43
C SER B 183 -12.94 -13.71 -17.69
N GLY B 184 -14.00 -13.34 -16.97
CA GLY B 184 -14.73 -14.30 -16.16
C GLY B 184 -14.14 -14.52 -14.78
N ILE B 185 -13.06 -13.81 -14.48
CA ILE B 185 -12.38 -13.91 -13.19
C ILE B 185 -12.97 -12.93 -12.19
N LYS B 186 -13.26 -13.39 -10.98
CA LYS B 186 -13.70 -12.50 -9.90
C LYS B 186 -12.58 -12.23 -8.89
N PHE B 187 -12.75 -11.17 -8.11
CA PHE B 187 -11.69 -10.69 -7.21
C PHE B 187 -12.25 -10.27 -5.86
N VAL B 188 -11.75 -10.90 -4.81
CA VAL B 188 -12.29 -10.75 -3.47
C VAL B 188 -11.17 -10.44 -2.47
N THR B 189 -11.45 -9.56 -1.51
CA THR B 189 -10.48 -9.23 -0.47
C THR B 189 -11.04 -9.65 0.89
N VAL B 190 -10.23 -10.35 1.68
CA VAL B 190 -10.63 -10.69 3.04
C VAL B 190 -9.65 -10.10 4.05
N CYS B 191 -10.19 -9.60 5.15
CA CYS B 191 -9.43 -8.82 6.11
C CYS B 191 -9.58 -9.34 7.54
N PRO B 192 -8.69 -10.26 7.94
CA PRO B 192 -8.81 -10.89 9.27
C PRO B 192 -8.49 -9.93 10.41
N GLY B 193 -9.18 -10.10 11.52
CA GLY B 193 -8.95 -9.30 12.71
C GLY B 193 -8.00 -10.00 13.66
N ALA B 194 -8.29 -9.93 14.95
CA ALA B 194 -7.51 -10.63 15.96
C ALA B 194 -7.44 -12.12 15.65
N THR B 195 -6.24 -12.60 15.36
CA THR B 195 -6.05 -13.99 14.94
C THR B 195 -4.79 -14.58 15.56
N MET B 196 -4.87 -15.85 15.97
CA MET B 196 -3.70 -16.53 16.53
C MET B 196 -2.72 -16.86 15.42
N THR B 197 -1.94 -15.87 15.03
CA THR B 197 -0.92 -16.03 14.00
C THR B 197 0.48 -16.00 14.61
N ASP B 198 1.35 -16.90 14.15
CA ASP B 198 2.73 -16.91 14.61
C ASP B 198 3.52 -15.72 14.04
N MET B 199 2.91 -15.07 13.05
CA MET B 199 3.45 -13.85 12.45
C MET B 199 3.71 -12.73 13.47
N PHE B 200 2.82 -12.61 14.45
CA PHE B 200 2.94 -11.55 15.45
C PHE B 200 3.74 -11.95 16.69
N THR B 201 4.45 -13.07 16.61
CA THR B 201 5.32 -13.48 17.70
C THR B 201 6.55 -12.57 17.72
N ASN B 202 7.04 -12.26 18.92
CA ASN B 202 8.12 -11.28 19.11
C ASN B 202 7.78 -9.93 18.49
N PHE B 203 6.52 -9.52 18.69
CA PHE B 203 5.97 -8.28 18.14
C PHE B 203 6.86 -7.05 18.33
N THR B 204 7.22 -6.76 19.58
CA THR B 204 7.93 -5.53 19.91
C THR B 204 9.36 -5.47 19.37
N GLU B 205 9.85 -6.60 18.86
CA GLU B 205 11.13 -6.61 18.15
C GLU B 205 10.94 -6.21 16.69
N LYS B 206 9.69 -6.09 16.27
CA LYS B 206 9.36 -5.85 14.87
C LYS B 206 8.58 -4.56 14.64
N ILE B 207 8.72 -3.61 15.56
CA ILE B 207 8.02 -2.33 15.44
C ILE B 207 9.00 -1.16 15.44
N ILE B 208 8.63 -0.08 14.76
CA ILE B 208 9.50 1.08 14.59
C ILE B 208 9.66 1.87 15.89
N PHE B 209 8.54 2.34 16.43
CA PHE B 209 8.54 3.13 17.66
C PHE B 209 8.50 2.24 18.90
N PRO B 210 9.63 2.17 19.64
CA PRO B 210 9.79 1.25 20.76
C PRO B 210 8.95 1.65 21.97
N GLU B 211 8.55 2.92 22.04
CA GLU B 211 7.83 3.44 23.20
C GLU B 211 6.34 3.12 23.10
N THR B 212 5.94 2.39 22.06
CA THR B 212 4.55 2.02 21.87
C THR B 212 4.29 0.63 22.46
N SER B 213 5.31 0.07 23.09
CA SER B 213 5.18 -1.22 23.77
C SER B 213 4.25 -1.14 24.98
N ASP B 214 4.01 0.07 25.45
CA ASP B 214 3.08 0.32 26.55
C ASP B 214 1.64 0.06 26.14
N GLU B 215 1.29 0.42 24.91
CA GLU B 215 -0.08 0.28 24.43
C GLU B 215 -0.21 -0.77 23.34
N THR B 216 0.70 -1.75 23.33
CA THR B 216 0.71 -2.80 22.31
C THR B 216 -0.37 -3.85 22.56
N TYR B 217 -1.10 -3.69 23.66
CA TYR B 217 -2.14 -4.64 24.04
C TYR B 217 -3.25 -4.73 22.99
N ARG B 218 -3.49 -3.64 22.27
CA ARG B 218 -4.61 -3.55 21.33
C ARG B 218 -4.61 -4.64 20.26
N ILE B 219 -3.43 -5.00 19.76
CA ILE B 219 -3.36 -5.98 18.68
C ILE B 219 -3.26 -7.42 19.19
N LEU B 220 -2.62 -7.62 20.34
CA LEU B 220 -2.31 -8.97 20.80
C LEU B 220 -3.07 -9.46 22.04
N ASP B 221 -4.07 -8.71 22.49
CA ASP B 221 -4.81 -9.10 23.70
C ASP B 221 -5.80 -10.25 23.44
N ARG B 222 -6.58 -10.14 22.37
CA ARG B 222 -7.64 -11.10 22.12
C ARG B 222 -7.43 -11.89 20.82
N LEU B 223 -6.23 -12.44 20.68
CA LEU B 223 -5.88 -13.23 19.49
C LEU B 223 -6.55 -14.60 19.51
N ASN B 224 -6.78 -15.13 20.70
CA ASN B 224 -7.40 -16.45 20.87
C ASN B 224 -8.78 -16.55 20.24
N LYS B 225 -9.38 -15.40 19.96
CA LYS B 225 -10.73 -15.30 19.42
C LYS B 225 -10.93 -16.19 18.18
N GLN B 226 -9.96 -16.22 17.29
CA GLN B 226 -10.03 -17.10 16.12
C GLN B 226 -8.67 -17.69 15.75
N SER B 227 -8.68 -18.92 15.22
CA SER B 227 -7.45 -19.59 14.81
C SER B 227 -7.31 -19.60 13.28
N ALA B 228 -6.16 -20.05 12.80
CA ALA B 228 -5.92 -20.23 11.37
C ALA B 228 -7.01 -21.08 10.73
N ALA B 229 -7.34 -22.20 11.36
CA ALA B 229 -8.40 -23.08 10.87
C ALA B 229 -9.76 -22.38 10.82
N ASP B 230 -10.03 -21.50 11.78
CA ASP B 230 -11.27 -20.75 11.79
C ASP B 230 -11.34 -19.79 10.60
N VAL B 231 -10.25 -19.07 10.36
CA VAL B 231 -10.17 -18.12 9.26
C VAL B 231 -10.28 -18.87 7.93
N SER B 232 -9.59 -19.99 7.83
CA SER B 232 -9.65 -20.86 6.66
C SER B 232 -11.07 -21.27 6.31
N ARG B 233 -11.83 -21.68 7.31
CA ARG B 233 -13.23 -22.02 7.14
C ARG B 233 -14.01 -20.82 6.61
N CYS B 234 -13.69 -19.65 7.15
CA CYS B 234 -14.29 -18.41 6.67
C CYS B 234 -13.95 -18.11 5.22
N ILE B 235 -12.71 -18.40 4.83
CA ILE B 235 -12.27 -18.20 3.45
C ILE B 235 -13.04 -19.07 2.48
N LEU B 236 -13.16 -20.36 2.80
CA LEU B 236 -13.90 -21.31 1.96
C LEU B 236 -15.36 -20.93 1.87
N ASN B 237 -15.89 -20.42 2.98
CA ASN B 237 -17.24 -19.87 3.03
C ASN B 237 -17.37 -18.74 1.99
N VAL B 238 -16.44 -17.79 2.07
CA VAL B 238 -16.35 -16.68 1.12
C VAL B 238 -16.23 -17.16 -0.33
N LEU B 239 -15.38 -18.16 -0.55
CA LEU B 239 -15.17 -18.71 -1.88
C LEU B 239 -16.47 -19.20 -2.53
N GLU B 240 -17.29 -19.90 -1.74
CA GLU B 240 -18.57 -20.39 -2.20
C GLU B 240 -19.54 -19.25 -2.54
N LYS B 241 -19.42 -18.14 -1.83
CA LYS B 241 -20.27 -16.97 -2.10
C LYS B 241 -20.05 -16.42 -3.51
N ASP B 242 -18.81 -16.46 -3.97
CA ASP B 242 -18.44 -16.03 -5.32
C ASP B 242 -18.96 -14.62 -5.69
N LYS B 243 -18.87 -13.70 -4.74
CA LYS B 243 -19.31 -12.33 -4.97
C LYS B 243 -18.16 -11.43 -5.39
N ASN B 244 -18.18 -10.99 -6.65
CA ASN B 244 -17.12 -10.16 -7.21
C ASN B 244 -17.02 -8.82 -6.48
N GLY B 245 -15.78 -8.41 -6.18
CA GLY B 245 -15.53 -7.10 -5.62
C GLY B 245 -15.81 -6.97 -4.14
N ALA B 246 -16.19 -8.09 -3.53
CA ALA B 246 -16.57 -8.09 -2.12
C ALA B 246 -15.37 -7.95 -1.21
N VAL B 247 -15.58 -7.30 -0.07
CA VAL B 247 -14.55 -7.15 0.95
C VAL B 247 -15.10 -7.68 2.27
N TYR B 248 -14.43 -8.69 2.83
CA TYR B 248 -14.90 -9.33 4.05
C TYR B 248 -13.96 -9.10 5.22
N VAL B 249 -14.54 -8.90 6.40
CA VAL B 249 -13.77 -8.91 7.64
C VAL B 249 -14.00 -10.24 8.33
N ILE B 250 -12.92 -10.86 8.82
CA ILE B 250 -13.03 -12.12 9.53
C ILE B 250 -12.58 -11.95 10.98
N GLU B 251 -13.56 -11.88 11.88
CA GLU B 251 -13.29 -11.66 13.28
C GLU B 251 -14.17 -12.54 14.16
N GLY B 252 -13.56 -13.16 15.17
CA GLY B 252 -14.26 -14.07 16.06
C GLY B 252 -14.90 -15.24 15.34
N LYS B 253 -14.17 -15.85 14.42
CA LYS B 253 -14.61 -17.04 13.67
C LYS B 253 -15.76 -16.76 12.71
N ARG B 254 -15.96 -15.49 12.34
CA ARG B 254 -17.16 -15.10 11.60
C ARG B 254 -16.87 -14.13 10.45
N VAL B 255 -17.70 -14.20 9.42
CA VAL B 255 -17.49 -13.45 8.19
C VAL B 255 -18.44 -12.25 8.07
N TYR B 256 -17.88 -11.05 8.00
CA TYR B 256 -18.69 -9.85 7.86
C TYR B 256 -18.37 -9.12 6.55
N PRO B 257 -19.36 -9.06 5.63
CA PRO B 257 -19.21 -8.28 4.41
C PRO B 257 -19.29 -6.78 4.68
N LEU B 258 -18.42 -5.99 4.06
CA LEU B 258 -18.46 -4.54 4.19
C LEU B 258 -19.12 -3.89 2.98
N GLU B 259 -20.01 -2.94 3.18
CA GLU B 259 -20.46 -2.10 2.07
C GLU B 259 -19.54 -0.88 2.04
N ILE B 260 -18.55 -0.92 1.14
CA ILE B 260 -17.57 0.16 1.09
C ILE B 260 -18.07 1.32 0.24
N LYS B 261 -18.46 2.41 0.91
CA LYS B 261 -18.91 3.61 0.21
C LYS B 261 -17.73 4.42 -0.27
N PRO B 262 -17.82 4.99 -1.49
CA PRO B 262 -16.84 5.90 -2.09
C PRO B 262 -16.42 7.02 -1.14
N GLN B 263 -15.13 7.35 -1.13
CA GLN B 263 -14.65 8.39 -0.23
C GLN B 263 -14.81 9.79 -0.83
N TRP B 264 -14.46 9.96 -2.10
CA TRP B 264 -14.61 11.24 -2.76
C TRP B 264 -15.84 11.25 -3.65
N THR B 265 -16.93 11.83 -3.13
CA THR B 265 -18.16 11.98 -3.87
C THR B 265 -18.45 13.43 -4.21
N GLY B 266 -17.67 14.34 -3.65
CA GLY B 266 -17.82 15.75 -3.95
C GLY B 266 -18.62 16.47 -2.88
N LYS B 267 -18.98 15.76 -1.83
CA LYS B 267 -19.76 16.33 -0.73
C LYS B 267 -18.95 17.25 0.17
N GLU B 268 -17.64 17.34 -0.09
CA GLU B 268 -16.77 18.25 0.66
C GLU B 268 -17.19 19.67 0.37
N GLN B 269 -17.15 20.53 1.38
CA GLN B 269 -17.71 21.86 1.25
C GLN B 269 -16.77 22.86 0.57
N ALA B 270 -15.53 22.97 1.05
CA ALA B 270 -14.59 23.96 0.51
C ALA B 270 -13.17 23.70 1.00
PA NAD C . 6.35 14.85 -12.28
O1A NAD C . 6.81 13.62 -13.01
O2A NAD C . 6.61 16.06 -13.12
O5B NAD C . 7.14 14.98 -10.86
C5B NAD C . 7.84 13.83 -10.35
C4B NAD C . 9.18 14.30 -9.68
O4B NAD C . 9.60 13.41 -8.83
C3B NAD C . 10.25 14.45 -10.73
O3B NAD C . 10.92 15.62 -10.58
C2B NAD C . 11.20 13.23 -10.50
O2B NAD C . 12.62 13.59 -10.88
C1B NAD C . 11.12 13.01 -9.25
N9A NAD C . 11.34 11.60 -8.98
C8A NAD C . 10.78 10.52 -9.59
N7A NAD C . 11.30 9.41 -9.00
C5A NAD C . 12.16 9.81 -8.03
C6A NAD C . 12.93 9.09 -7.14
N6A NAD C . 13.02 7.69 -7.03
N1A NAD C . 13.72 9.74 -6.26
C2A NAD C . 13.74 11.10 -6.24
N3A NAD C . 12.97 11.82 -7.12
C4A NAD C . 12.18 11.16 -8.02
O3 NAD C . 4.79 14.73 -11.99
PN NAD C . 4.09 15.33 -10.68
O1N NAD C . 2.71 15.89 -11.04
O2N NAD C . 4.93 16.45 -10.10
O5D NAD C . 3.93 14.15 -9.59
C5D NAD C . 4.21 14.47 -8.26
C4D NAD C . 3.24 13.75 -7.31
O4D NAD C . 2.00 14.16 -7.52
C3D NAD C . 3.28 12.28 -7.59
O3D NAD C . 3.53 11.60 -6.45
C2D NAD C . 1.85 11.93 -8.10
O2D NAD C . 1.50 10.59 -7.59
C1D NAD C . 1.08 12.83 -7.62
N1N NAD C . -0.02 13.08 -8.52
C2N NAD C . -1.04 12.17 -8.63
C3N NAD C . -2.11 12.41 -9.48
C7N NAD C . -3.26 11.36 -9.62
O7N NAD C . -3.09 10.22 -9.22
N7N NAD C . -4.54 11.71 -10.25
C4N NAD C . -2.14 13.57 -10.22
C5N NAD C . -1.12 14.49 -10.11
C6N NAD C . -0.06 14.25 -9.25
PA NAD D . 2.14 -17.16 9.11
O1A NAD D . 3.42 -16.44 9.41
O2A NAD D . 2.09 -18.46 9.88
O5B NAD D . 2.02 -17.48 7.53
C5B NAD D . 3.06 -16.98 6.66
C4B NAD D . 3.33 -18.02 5.49
O4B NAD D . 3.64 -17.39 4.39
C3B NAD D . 4.52 -18.85 5.86
O3B NAD D . 4.31 -20.15 5.52
C2B NAD D . 5.68 -18.23 5.02
O2B NAD D . 6.75 -19.27 4.73
C1B NAD D . 5.12 -17.86 3.96
N9A NAD D . 5.85 -16.73 3.38
C8A NAD D . 6.27 -15.59 3.97
N7A NAD D . 6.91 -14.85 3.02
C5A NAD D . 6.88 -15.55 1.86
C6A NAD D . 7.37 -15.25 0.61
N6A NAD D . 8.07 -14.09 0.21
N1A NAD D . 7.20 -16.12 -0.41
C2A NAD D . 6.54 -17.29 -0.19
N3A NAD D . 6.04 -17.58 1.05
C4A NAD D . 6.22 -16.71 2.07
O3 NAD D . 0.91 -16.24 9.57
PN NAD D . -0.52 -16.23 8.86
O1N NAD D . -1.62 -16.15 9.92
O2N NAD D . -0.71 -17.49 8.02
O5D NAD D . -0.62 -14.94 7.90
C5D NAD D . -1.29 -15.09 6.69
C4D NAD D . -1.90 -13.75 6.26
O4D NAD D . -2.97 -13.49 6.99
C3D NAD D . -0.92 -12.66 6.54
O3D NAD D . -0.30 -12.31 5.38
C2D NAD D . -1.79 -11.46 7.06
O2D NAD D . -1.86 -10.45 5.98
C1D NAD D . -2.96 -11.90 7.31
N1N NAD D . -3.29 -11.71 8.70
C2N NAD D . -3.49 -10.45 9.21
C3N NAD D . -3.81 -10.28 10.55
C7N NAD D . -4.03 -8.85 11.14
O7N NAD D . -3.68 -7.88 10.49
N7N NAD D . -4.64 -8.66 12.45
C4N NAD D . -3.93 -11.38 11.37
C5N NAD D . -3.74 -12.64 10.86
C6N NAD D . -3.41 -12.81 9.53
#